data_5DH7
#
_entry.id   5DH7
#
_cell.length_a   81.309
_cell.length_b   85.825
_cell.length_c   103.528
_cell.angle_alpha   90.00
_cell.angle_beta   90.00
_cell.angle_gamma   90.00
#
_symmetry.space_group_name_H-M   'C 2 2 21'
#
loop_
_entity.id
_entity.type
_entity.pdbx_description
1 polymer 'RNA (48-MER)'
2 polymer "5'-R(*GP*GP*GP*CP*GP*UP*DC*UP*GP*GP*GP*CP*AP*GP*UP*AP*CP*CP*CP*A)-3'"
3 non-polymer 'MANGANESE (II) ION'
#
loop_
_entity_poly.entity_id
_entity_poly.type
_entity_poly.pdbx_seq_one_letter_code
_entity_poly.pdbx_strand_id
1 'polyribonucleotide' GGGUACUUAAGCCCACUGAUGAGUCGCUGGGAUGCGACAAAACGCCCA A
2 'polyribonucleotide' GGGCGU(DC)UGGGCAGUACCCA B
#